data_5K8G
#
_entry.id   5K8G
#
_cell.length_a   50.115
_cell.length_b   61.065
_cell.length_c   63.473
_cell.angle_alpha   66.25
_cell.angle_beta   72.66
_cell.angle_gamma   67.94
#
_symmetry.space_group_name_H-M   'P 1'
#
loop_
_entity.id
_entity.type
_entity.pdbx_description
1 polymer 'Antifreeze protein'
2 non-polymer 'CALCIUM ION'
3 water water
#
_entity_poly.entity_id   1
_entity_poly.type   'polypeptide(L)'
_entity_poly.pdbx_seq_one_letter_code
;MASSHHHHHHSSGLVPRGSHMTEATAGTVTVNAITSDDTIDGIELGQTISISGKAVGGDISVGDVVKMTINNTEYSTTVK
AGGIWMIAGVLGSDLAADSEFDVVVTSSDAAGNKVQSIGTSTHSVDLSAEANFSLAEGQQHVLTNLPEGFGFPDGTTEVV
TNFGGTITLGDDGEYRYDAPVRDHGDAVSDKDSVTVTLEDGRTFTVNLDIQDSAPVAVDDQDSIVVQHEEFEVSEIAASW
VSYTHGESVTTFDGTSDLGGVDNDSAKDQIRWGNPAESKQSGYGFIDNDSNLEGRFDLNQDISVGTFTHYNYPVYSGGAI
TSAEMSVEFSVLDHLGVSTPVTLTVNFDHNETPNTNDVNASRDIVTVQNTHVTFERDGDIYTVQIVGFREVGNPDGEVVT
SIYTNENAATSYELVVRVVEGDGYSLPSTEGNIFDDNGLGADSLGADGSVTVVGVAVGAIVSSNESVGHSIEGQYGNLVL
NSDGSYVYDVTASVSDIPAGATESFAYLIQDQDGSTSSANLSINVGTNTAPKAQDDSTPD
;
_entity_poly.pdbx_strand_id   A
#
loop_
_chem_comp.id
_chem_comp.type
_chem_comp.name
_chem_comp.formula
CA non-polymer 'CALCIUM ION' 'Ca 2'
#
# COMPACT_ATOMS: atom_id res chain seq x y z
N ALA A 24 -73.05 -10.83 50.86
CA ALA A 24 -71.81 -11.69 50.91
C ALA A 24 -70.47 -10.90 50.67
N THR A 25 -69.40 -11.27 51.39
CA THR A 25 -68.06 -10.67 51.22
C THR A 25 -67.34 -11.23 49.97
N ALA A 26 -66.88 -10.31 49.13
CA ALA A 26 -66.06 -10.62 47.96
C ALA A 26 -64.63 -10.93 48.37
N GLY A 27 -64.03 -11.89 47.68
CA GLY A 27 -62.65 -12.29 47.92
C GLY A 27 -61.73 -11.72 46.86
N THR A 28 -60.48 -12.17 46.92
CA THR A 28 -59.41 -11.67 46.09
C THR A 28 -59.15 -12.66 44.97
N VAL A 29 -59.28 -12.18 43.74
CA VAL A 29 -58.99 -12.95 42.55
C VAL A 29 -57.72 -12.41 41.97
N THR A 30 -56.71 -13.25 41.85
CA THR A 30 -55.46 -12.96 41.17
C THR A 30 -55.22 -13.91 39.97
N VAL A 31 -54.52 -13.39 38.98
CA VAL A 31 -54.22 -14.08 37.75
C VAL A 31 -52.73 -14.10 37.67
N ASN A 32 -52.14 -15.27 37.51
CA ASN A 32 -50.70 -15.36 37.29
C ASN A 32 -50.24 -14.80 35.97
N ALA A 33 -48.93 -14.56 35.86
CA ALA A 33 -48.31 -14.17 34.60
C ALA A 33 -48.73 -15.11 33.44
N ILE A 34 -49.00 -14.55 32.27
CA ILE A 34 -49.51 -15.27 31.12
C ILE A 34 -48.24 -15.74 30.43
N THR A 35 -47.91 -17.00 30.73
CA THR A 35 -46.59 -17.57 30.49
C THR A 35 -45.54 -16.89 31.39
N SER A 36 -44.35 -17.45 31.47
CA SER A 36 -43.37 -17.02 32.47
C SER A 36 -42.97 -15.55 32.36
N ASP A 37 -42.87 -15.04 31.13
CA ASP A 37 -42.47 -13.65 30.92
C ASP A 37 -43.61 -12.72 30.72
N ASP A 38 -44.84 -13.22 30.87
CA ASP A 38 -46.05 -12.41 30.79
C ASP A 38 -46.24 -11.76 29.43
N THR A 39 -45.74 -12.42 28.40
CA THR A 39 -45.96 -11.96 27.02
C THR A 39 -46.20 -13.13 26.07
N ILE A 40 -47.11 -12.94 25.13
CA ILE A 40 -47.33 -13.90 24.06
C ILE A 40 -46.44 -13.55 22.89
N ASP A 41 -45.52 -14.46 22.55
CA ASP A 41 -44.63 -14.34 21.43
C ASP A 41 -45.13 -15.13 20.20
N GLY A 42 -44.36 -15.08 19.12
CA GLY A 42 -44.70 -15.68 17.83
C GLY A 42 -44.84 -17.18 17.82
N ILE A 43 -44.13 -17.87 18.69
CA ILE A 43 -44.19 -19.34 18.81
C ILE A 43 -45.48 -19.75 19.61
N GLU A 44 -45.69 -19.08 20.72
CA GLU A 44 -46.86 -19.23 21.58
C GLU A 44 -48.16 -18.98 20.85
N LEU A 45 -48.12 -18.09 19.86
CA LEU A 45 -49.24 -17.78 19.00
C LEU A 45 -49.95 -19.00 18.43
N GLY A 46 -49.16 -19.97 17.96
CA GLY A 46 -49.68 -21.25 17.46
C GLY A 46 -49.94 -22.37 18.48
N GLN A 47 -49.94 -22.06 19.75
CA GLN A 47 -49.99 -23.07 20.79
C GLN A 47 -51.19 -22.87 21.70
N THR A 48 -51.36 -23.84 22.57
CA THR A 48 -52.26 -23.79 23.69
C THR A 48 -51.52 -23.29 24.94
N ILE A 49 -52.15 -22.40 25.68
CA ILE A 49 -51.58 -21.83 26.87
C ILE A 49 -52.50 -21.99 28.06
N SER A 50 -51.93 -22.50 29.15
CA SER A 50 -52.55 -22.53 30.49
C SER A 50 -52.59 -21.17 31.12
N ILE A 51 -53.70 -20.84 31.72
CA ILE A 51 -53.92 -19.62 32.47
C ILE A 51 -54.31 -20.12 33.89
N SER A 52 -53.66 -19.56 34.90
CA SER A 52 -53.99 -19.90 36.27
C SER A 52 -54.02 -18.69 37.21
N GLY A 53 -54.50 -18.92 38.43
CA GLY A 53 -54.60 -17.84 39.40
C GLY A 53 -55.08 -18.35 40.70
N LYS A 54 -55.60 -17.45 41.52
CA LYS A 54 -56.20 -17.80 42.81
C LYS A 54 -57.44 -17.00 43.05
N ALA A 55 -58.27 -17.53 43.93
CA ALA A 55 -59.51 -16.92 44.34
C ALA A 55 -59.64 -17.32 45.79
N VAL A 56 -59.39 -16.39 46.70
CA VAL A 56 -59.30 -16.70 48.13
C VAL A 56 -59.95 -15.61 48.95
N GLY A 57 -60.45 -15.98 50.12
CA GLY A 57 -61.06 -15.06 51.08
C GLY A 57 -62.50 -14.71 50.78
N GLY A 58 -63.09 -13.91 51.66
CA GLY A 58 -64.49 -13.55 51.63
C GLY A 58 -65.37 -14.78 51.64
N ASP A 59 -66.38 -14.79 50.78
CA ASP A 59 -67.29 -15.92 50.65
C ASP A 59 -66.94 -16.86 49.47
N ILE A 60 -65.69 -16.83 48.99
CA ILE A 60 -65.29 -17.73 47.91
C ILE A 60 -65.15 -19.11 48.54
N SER A 61 -65.72 -20.11 47.86
CA SER A 61 -65.64 -21.49 48.29
C SER A 61 -65.11 -22.30 47.16
N VAL A 62 -64.46 -23.38 47.55
CA VAL A 62 -64.10 -24.44 46.63
C VAL A 62 -65.38 -24.82 45.90
N GLY A 63 -65.31 -24.87 44.58
CA GLY A 63 -66.45 -25.21 43.77
C GLY A 63 -67.08 -24.04 43.07
N ASP A 64 -66.77 -22.82 43.51
CA ASP A 64 -67.33 -21.64 42.82
C ASP A 64 -66.91 -21.52 41.35
N VAL A 65 -67.80 -20.98 40.53
CA VAL A 65 -67.58 -20.81 39.11
C VAL A 65 -66.61 -19.64 38.83
N VAL A 66 -65.67 -19.87 37.94
CA VAL A 66 -64.67 -18.85 37.50
C VAL A 66 -64.90 -18.67 36.01
N LYS A 67 -65.18 -17.44 35.58
CA LYS A 67 -65.38 -17.11 34.17
C LYS A 67 -64.55 -15.95 33.68
N MET A 68 -64.16 -16.00 32.43
CA MET A 68 -63.44 -14.91 31.79
C MET A 68 -63.67 -14.93 30.27
N THR A 69 -63.81 -13.75 29.69
CA THR A 69 -63.91 -13.62 28.24
C THR A 69 -62.63 -13.05 27.65
N ILE A 70 -62.05 -13.84 26.77
CA ILE A 70 -60.79 -13.53 26.12
C ILE A 70 -61.07 -13.57 24.62
N ASN A 71 -60.96 -12.39 23.99
CA ASN A 71 -61.18 -12.22 22.55
C ASN A 71 -62.55 -12.76 22.17
N ASN A 72 -63.57 -12.37 22.93
CA ASN A 72 -64.95 -12.87 22.66
C ASN A 72 -65.21 -14.41 22.72
N THR A 73 -64.31 -15.19 23.30
CA THR A 73 -64.61 -16.56 23.70
C THR A 73 -64.61 -16.64 25.22
N GLU A 74 -65.59 -17.36 25.77
CA GLU A 74 -65.70 -17.52 27.20
C GLU A 74 -65.02 -18.81 27.59
N TYR A 75 -64.19 -18.70 28.62
CA TYR A 75 -63.51 -19.80 29.22
C TYR A 75 -64.01 -19.84 30.66
N SER A 76 -64.17 -21.04 31.19
CA SER A 76 -64.69 -21.23 32.52
C SER A 76 -64.05 -22.38 33.26
N THR A 77 -64.07 -22.30 34.59
CA THR A 77 -63.55 -23.41 35.42
C THR A 77 -64.17 -23.27 36.81
N THR A 78 -63.70 -24.03 37.78
CA THR A 78 -64.15 -23.84 39.18
C THR A 78 -62.97 -23.60 40.10
N VAL A 79 -63.24 -22.99 41.24
CA VAL A 79 -62.23 -22.80 42.25
C VAL A 79 -61.95 -24.15 42.92
N LYS A 80 -60.68 -24.55 43.00
CA LYS A 80 -60.23 -25.79 43.69
C LYS A 80 -59.70 -25.47 45.05
N ALA A 81 -59.29 -26.53 45.73
CA ALA A 81 -58.74 -26.50 47.08
C ALA A 81 -57.62 -25.50 47.19
N GLY A 82 -57.68 -24.70 48.25
CA GLY A 82 -56.71 -23.61 48.43
C GLY A 82 -56.87 -22.39 47.54
N GLY A 83 -57.98 -22.33 46.80
CA GLY A 83 -58.33 -21.18 45.98
C GLY A 83 -57.69 -21.18 44.61
N ILE A 84 -57.14 -22.29 44.21
CA ILE A 84 -56.46 -22.40 42.93
C ILE A 84 -57.51 -22.55 41.84
N TRP A 85 -57.32 -21.84 40.72
CA TRP A 85 -58.05 -22.11 39.49
C TRP A 85 -57.11 -22.15 38.32
N MET A 86 -57.38 -23.03 37.35
CA MET A 86 -56.68 -23.02 36.09
C MET A 86 -57.53 -23.37 34.89
N ILE A 87 -57.14 -22.84 33.74
CA ILE A 87 -57.76 -23.12 32.46
C ILE A 87 -56.69 -23.77 31.64
N ALA A 88 -56.97 -24.98 31.20
CA ALA A 88 -56.00 -25.83 30.56
C ALA A 88 -55.51 -25.32 29.21
N GLY A 89 -56.44 -25.00 28.30
CA GLY A 89 -56.08 -24.66 26.94
C GLY A 89 -56.74 -23.42 26.41
N VAL A 90 -56.17 -22.25 26.68
CA VAL A 90 -56.56 -21.03 25.99
C VAL A 90 -55.72 -20.95 24.73
N LEU A 91 -56.33 -20.60 23.62
CA LEU A 91 -55.58 -20.44 22.40
C LEU A 91 -54.59 -19.23 22.49
N GLY A 92 -53.32 -19.45 22.13
CA GLY A 92 -52.38 -18.38 21.87
C GLY A 92 -52.93 -17.25 21.00
N SER A 93 -53.69 -17.63 19.95
CA SER A 93 -54.26 -16.63 19.04
C SER A 93 -55.27 -15.72 19.71
N ASP A 94 -56.06 -16.26 20.63
CA ASP A 94 -56.94 -15.43 21.48
C ASP A 94 -56.23 -14.44 22.43
N LEU A 95 -55.24 -14.93 23.17
CA LEU A 95 -54.39 -14.04 24.02
C LEU A 95 -53.61 -12.97 23.22
N ALA A 96 -53.16 -13.34 22.01
CA ALA A 96 -52.51 -12.36 21.13
C ALA A 96 -53.49 -11.28 20.68
N ALA A 97 -54.75 -11.63 20.46
CA ALA A 97 -55.78 -10.65 20.08
C ALA A 97 -56.32 -9.80 21.26
N ASP A 98 -56.18 -10.27 22.49
CA ASP A 98 -56.77 -9.60 23.64
C ASP A 98 -55.87 -9.61 24.90
N SER A 99 -55.12 -8.53 25.08
CA SER A 99 -54.10 -8.41 26.10
C SER A 99 -54.56 -8.01 27.53
N GLU A 100 -55.87 -7.87 27.72
CA GLU A 100 -56.45 -7.49 28.99
C GLU A 100 -57.81 -8.16 29.16
N PHE A 101 -58.00 -8.77 30.32
CA PHE A 101 -59.31 -9.30 30.66
C PHE A 101 -59.56 -9.43 32.14
N ASP A 102 -60.86 -9.47 32.44
CA ASP A 102 -61.36 -9.77 33.79
C ASP A 102 -61.63 -11.25 34.08
N VAL A 103 -61.34 -11.68 35.29
CA VAL A 103 -61.78 -12.99 35.77
C VAL A 103 -62.84 -12.73 36.86
N VAL A 104 -63.99 -13.37 36.68
CA VAL A 104 -65.15 -13.21 37.56
C VAL A 104 -65.41 -14.54 38.26
N VAL A 105 -65.40 -14.49 39.59
CA VAL A 105 -65.75 -15.63 40.44
C VAL A 105 -67.10 -15.35 41.10
N THR A 106 -68.04 -16.26 40.91
CA THR A 106 -69.40 -16.16 41.48
C THR A 106 -69.50 -16.99 42.77
N SER A 107 -69.79 -16.33 43.88
CA SER A 107 -69.87 -16.99 45.21
C SER A 107 -71.22 -16.76 45.88
N SER A 108 -71.45 -17.54 46.94
CA SER A 108 -72.62 -17.39 47.85
C SER A 108 -72.16 -17.38 49.30
N ASP A 109 -73.00 -16.87 50.21
CA ASP A 109 -72.80 -17.06 51.67
C ASP A 109 -73.77 -18.17 52.18
N ALA A 110 -73.80 -18.41 53.49
CA ALA A 110 -74.73 -19.42 54.06
C ALA A 110 -76.21 -19.10 53.77
N ALA A 111 -76.56 -17.83 53.76
CA ALA A 111 -77.96 -17.38 53.51
C ALA A 111 -78.39 -17.31 52.01
N GLY A 112 -77.50 -17.66 51.08
CA GLY A 112 -77.79 -17.65 49.65
C GLY A 112 -77.57 -16.31 48.91
N ASN A 113 -76.89 -15.36 49.55
CA ASN A 113 -76.59 -14.06 48.92
C ASN A 113 -75.42 -14.20 47.94
N LYS A 114 -75.71 -13.94 46.67
CA LYS A 114 -74.70 -13.96 45.61
C LYS A 114 -73.72 -12.79 45.72
N VAL A 115 -72.48 -13.01 45.34
CA VAL A 115 -71.45 -11.95 45.22
C VAL A 115 -70.46 -12.33 44.11
N GLN A 116 -69.92 -11.30 43.45
CA GLN A 116 -68.89 -11.48 42.46
C GLN A 116 -67.57 -10.90 42.91
N SER A 117 -66.50 -11.70 42.75
CA SER A 117 -65.16 -11.24 42.99
C SER A 117 -64.53 -11.07 41.62
N ILE A 118 -63.75 -9.99 41.46
CA ILE A 118 -63.16 -9.69 40.17
C ILE A 118 -61.68 -9.46 40.21
N GLY A 119 -60.97 -10.13 39.31
CA GLY A 119 -59.58 -9.91 39.13
C GLY A 119 -59.39 -9.43 37.72
N THR A 120 -58.22 -8.86 37.47
CA THR A 120 -57.87 -8.33 36.17
C THR A 120 -56.48 -8.81 35.80
N SER A 121 -56.30 -9.08 34.51
CA SER A 121 -55.02 -9.50 33.97
C SER A 121 -54.73 -8.65 32.77
N THR A 122 -53.44 -8.35 32.61
CA THR A 122 -52.92 -7.70 31.39
C THR A 122 -51.69 -8.47 31.05
N HIS A 123 -51.34 -8.47 29.76
CA HIS A 123 -50.09 -9.08 29.32
C HIS A 123 -49.66 -8.37 28.07
N SER A 124 -48.45 -8.66 27.62
CA SER A 124 -47.96 -8.06 26.39
C SER A 124 -48.07 -9.04 25.23
N VAL A 125 -48.20 -8.48 24.03
CA VAL A 125 -48.20 -9.22 22.81
C VAL A 125 -47.00 -8.68 21.98
N ASP A 126 -46.01 -9.54 21.72
CA ASP A 126 -44.85 -9.23 20.87
C ASP A 126 -44.62 -10.42 19.95
N LEU A 127 -45.17 -10.34 18.73
CA LEU A 127 -45.16 -11.42 17.77
C LEU A 127 -43.91 -11.36 16.81
N SER A 128 -42.94 -10.51 17.17
CA SER A 128 -41.70 -10.37 16.41
C SER A 128 -40.64 -11.37 16.84
N ALA A 129 -39.76 -11.70 15.91
CA ALA A 129 -38.55 -12.43 16.20
C ALA A 129 -37.48 -11.86 15.25
N GLU A 130 -36.22 -11.86 15.70
CA GLU A 130 -35.14 -11.37 14.89
C GLU A 130 -34.07 -12.42 14.55
N ALA A 131 -33.30 -12.15 13.52
CA ALA A 131 -32.25 -13.05 13.05
C ALA A 131 -31.10 -12.15 12.65
N ASN A 132 -29.96 -12.32 13.28
CA ASN A 132 -28.82 -11.47 13.05
C ASN A 132 -27.77 -12.22 12.28
N PHE A 133 -27.23 -11.59 11.26
CA PHE A 133 -26.22 -12.18 10.44
C PHE A 133 -25.15 -11.13 10.17
N SER A 134 -23.96 -11.60 9.88
CA SER A 134 -22.79 -10.79 9.58
C SER A 134 -22.15 -11.44 8.37
N LEU A 135 -22.27 -10.79 7.21
CA LEU A 135 -21.99 -11.45 5.91
C LEU A 135 -21.18 -10.61 4.94
N ALA A 136 -20.34 -11.23 4.15
CA ALA A 136 -19.46 -10.48 3.24
C ALA A 136 -20.21 -9.85 2.07
N GLU A 137 -19.82 -8.64 1.76
CA GLU A 137 -20.40 -7.89 0.64
C GLU A 137 -20.13 -8.52 -0.67
N GLY A 138 -20.99 -8.23 -1.65
CA GLY A 138 -20.85 -8.73 -3.02
C GLY A 138 -20.83 -10.23 -3.19
N GLN A 139 -21.51 -10.93 -2.31
CA GLN A 139 -21.57 -12.38 -2.41
C GLN A 139 -22.96 -12.81 -2.05
N GLN A 140 -23.30 -13.98 -2.53
CA GLN A 140 -24.56 -14.63 -2.21
C GLN A 140 -24.37 -15.56 -1.00
N HIS A 141 -25.29 -15.54 -0.04
CA HIS A 141 -25.14 -16.34 1.19
C HIS A 141 -26.42 -17.06 1.51
N VAL A 142 -26.31 -18.35 1.82
CA VAL A 142 -27.40 -19.08 2.42
C VAL A 142 -27.59 -18.66 3.89
N LEU A 143 -28.81 -18.30 4.26
CA LEU A 143 -29.06 -17.92 5.63
C LEU A 143 -29.45 -19.15 6.48
N THR A 144 -28.57 -19.50 7.41
CA THR A 144 -28.75 -20.63 8.30
C THR A 144 -29.25 -20.21 9.65
N ASN A 145 -29.71 -21.19 10.43
CA ASN A 145 -30.28 -20.95 11.79
C ASN A 145 -31.31 -19.84 11.85
N LEU A 146 -32.19 -19.74 10.86
CA LEU A 146 -33.26 -18.74 10.91
C LEU A 146 -34.15 -19.06 12.12
N PRO A 147 -34.87 -18.08 12.69
CA PRO A 147 -35.71 -18.40 13.85
C PRO A 147 -36.78 -19.47 13.53
N GLU A 148 -37.23 -20.19 14.56
CA GLU A 148 -38.16 -21.30 14.34
C GLU A 148 -39.48 -20.70 13.86
N GLY A 149 -40.04 -21.33 12.86
CA GLY A 149 -41.28 -20.85 12.21
C GLY A 149 -41.07 -19.86 11.09
N PHE A 150 -39.84 -19.37 10.87
CA PHE A 150 -39.52 -18.44 9.75
C PHE A 150 -40.06 -18.94 8.39
N GLY A 151 -40.71 -18.05 7.66
CA GLY A 151 -40.96 -18.28 6.25
C GLY A 151 -41.61 -17.05 5.66
N PHE A 152 -41.83 -17.13 4.36
CA PHE A 152 -42.43 -16.07 3.62
C PHE A 152 -43.94 -16.30 3.48
N PRO A 153 -44.74 -15.24 3.49
CA PRO A 153 -46.20 -15.40 3.28
C PRO A 153 -46.53 -16.01 1.91
N ASP A 154 -47.60 -16.78 1.85
CA ASP A 154 -47.87 -17.67 0.74
C ASP A 154 -47.83 -17.00 -0.61
N GLY A 155 -46.96 -17.53 -1.46
CA GLY A 155 -46.74 -16.97 -2.79
C GLY A 155 -45.39 -16.27 -2.94
N THR A 156 -44.99 -15.55 -1.90
CA THR A 156 -43.74 -14.79 -1.85
C THR A 156 -42.48 -15.65 -1.91
N THR A 157 -41.63 -15.38 -2.90
CA THR A 157 -40.36 -16.04 -3.07
C THR A 157 -39.18 -15.12 -2.91
N GLU A 158 -39.42 -13.84 -2.75
CA GLU A 158 -38.36 -12.88 -2.63
C GLU A 158 -38.86 -11.67 -1.88
N VAL A 159 -38.06 -11.16 -0.93
CA VAL A 159 -38.32 -9.87 -0.28
C VAL A 159 -37.13 -9.00 -0.47
N VAL A 160 -37.37 -7.69 -0.65
CA VAL A 160 -36.30 -6.73 -0.93
C VAL A 160 -35.89 -6.02 0.37
N THR A 161 -34.60 -5.97 0.61
CA THR A 161 -34.07 -5.40 1.84
C THR A 161 -33.97 -3.89 1.74
N ASN A 162 -33.82 -3.23 2.87
CA ASN A 162 -33.59 -1.79 2.87
CA ASN A 162 -33.57 -1.78 2.88
C ASN A 162 -32.49 -1.25 1.86
N PHE A 163 -31.39 -1.99 1.60
CA PHE A 163 -30.33 -1.53 0.71
C PHE A 163 -30.57 -1.98 -0.68
N GLY A 164 -31.72 -2.57 -0.97
CA GLY A 164 -32.02 -3.03 -2.32
C GLY A 164 -31.48 -4.41 -2.65
N GLY A 165 -31.07 -5.14 -1.61
CA GLY A 165 -30.71 -6.51 -1.83
C GLY A 165 -31.97 -7.36 -1.79
N THR A 166 -31.80 -8.66 -1.82
CA THR A 166 -32.95 -9.56 -1.76
C THR A 166 -32.69 -10.78 -0.92
N ILE A 167 -33.74 -11.29 -0.32
CA ILE A 167 -33.66 -12.60 0.30
C ILE A 167 -34.56 -13.46 -0.58
N THR A 168 -34.01 -14.46 -1.23
CA THR A 168 -34.77 -15.31 -2.14
C THR A 168 -34.95 -16.73 -1.64
N LEU A 169 -36.15 -17.24 -1.78
CA LEU A 169 -36.45 -18.61 -1.38
C LEU A 169 -36.26 -19.46 -2.60
N GLY A 170 -35.25 -20.34 -2.57
CA GLY A 170 -34.96 -21.22 -3.72
C GLY A 170 -35.79 -22.52 -3.82
N ASP A 171 -35.66 -23.16 -4.97
CA ASP A 171 -36.24 -24.50 -5.24
C ASP A 171 -35.90 -25.46 -4.17
N ASP A 172 -34.68 -25.35 -3.66
CA ASP A 172 -34.19 -26.28 -2.69
C ASP A 172 -34.62 -25.96 -1.26
N GLY A 173 -35.48 -24.97 -1.06
CA GLY A 173 -35.95 -24.66 0.27
C GLY A 173 -35.07 -23.74 1.07
N GLU A 174 -33.94 -23.35 0.51
CA GLU A 174 -33.01 -22.50 1.18
C GLU A 174 -33.29 -20.98 0.97
N TYR A 175 -33.06 -20.17 2.00
CA TYR A 175 -33.09 -18.70 1.87
C TYR A 175 -31.69 -18.05 1.57
N ARG A 176 -31.57 -17.33 0.46
CA ARG A 176 -30.30 -16.79 0.04
C ARG A 176 -30.35 -15.25 -0.02
N TYR A 177 -29.30 -14.63 0.52
CA TYR A 177 -29.12 -13.21 0.52
C TYR A 177 -27.99 -12.79 -0.41
N ASP A 178 -28.32 -11.84 -1.26
CA ASP A 178 -27.41 -11.24 -2.20
C ASP A 178 -26.95 -9.95 -1.55
N ALA A 179 -25.77 -9.95 -0.99
CA ALA A 179 -25.29 -8.79 -0.21
C ALA A 179 -24.75 -7.69 -1.14
N PRO A 180 -25.31 -6.49 -1.08
CA PRO A 180 -24.75 -5.47 -1.99
C PRO A 180 -23.34 -5.05 -1.57
N VAL A 181 -22.57 -4.51 -2.52
CA VAL A 181 -21.30 -3.82 -2.22
C VAL A 181 -21.60 -2.49 -1.51
N ARG A 182 -20.83 -2.13 -0.49
CA ARG A 182 -21.08 -0.90 0.25
C ARG A 182 -19.79 -0.11 0.40
N ASP A 183 -19.96 1.18 0.58
CA ASP A 183 -18.85 2.05 0.95
C ASP A 183 -18.79 1.98 2.45
N HIS A 184 -17.82 1.21 2.94
CA HIS A 184 -17.60 0.98 4.39
C HIS A 184 -16.90 2.11 5.11
N GLY A 185 -16.45 3.12 4.36
CA GLY A 185 -15.79 4.30 4.94
C GLY A 185 -16.69 5.51 5.16
N ASP A 186 -17.86 5.55 4.52
CA ASP A 186 -18.71 6.75 4.57
C ASP A 186 -19.56 6.85 5.86
N ALA A 187 -20.45 7.85 5.90
CA ALA A 187 -21.21 8.13 7.12
C ALA A 187 -22.58 7.38 7.20
N VAL A 188 -22.80 6.40 6.32
CA VAL A 188 -24.05 5.67 6.20
C VAL A 188 -23.79 4.24 6.62
N SER A 189 -24.59 3.80 7.58
CA SER A 189 -24.48 2.50 8.20
C SER A 189 -24.63 1.41 7.13
N ASP A 190 -23.90 0.30 7.27
CA ASP A 190 -24.00 -0.81 6.31
C ASP A 190 -24.66 -2.06 6.97
N LYS A 191 -25.55 -1.79 7.93
CA LYS A 191 -26.40 -2.82 8.55
C LYS A 191 -27.71 -2.83 7.78
N ASP A 192 -27.88 -3.83 6.90
CA ASP A 192 -29.09 -3.97 6.07
C ASP A 192 -30.18 -4.61 6.92
N SER A 193 -31.40 -4.58 6.42
CA SER A 193 -32.53 -5.05 7.18
C SER A 193 -33.75 -5.34 6.28
N VAL A 194 -34.55 -6.31 6.71
CA VAL A 194 -35.84 -6.59 6.12
C VAL A 194 -36.77 -7.19 7.15
N THR A 195 -38.03 -6.78 7.07
CA THR A 195 -39.05 -7.33 7.94
C THR A 195 -40.08 -8.04 7.08
N VAL A 196 -40.33 -9.28 7.43
CA VAL A 196 -41.34 -10.10 6.80
C VAL A 196 -42.58 -10.07 7.72
N THR A 197 -43.76 -9.93 7.16
CA THR A 197 -44.97 -9.97 7.94
C THR A 197 -45.89 -11.05 7.49
N LEU A 198 -46.34 -11.88 8.42
CA LEU A 198 -47.23 -12.99 8.10
C LEU A 198 -48.69 -12.62 8.39
N GLU A 199 -49.60 -13.39 7.83
CA GLU A 199 -51.03 -13.12 7.99
C GLU A 199 -51.48 -13.35 9.44
N ASP A 200 -50.86 -14.29 10.15
CA ASP A 200 -51.24 -14.50 11.54
C ASP A 200 -50.74 -13.44 12.49
N GLY A 201 -49.96 -12.46 12.03
CA GLY A 201 -49.53 -11.36 12.90
C GLY A 201 -48.08 -11.40 13.31
N ARG A 202 -47.42 -12.50 12.97
CA ARG A 202 -45.98 -12.65 13.21
C ARG A 202 -45.17 -11.78 12.27
N THR A 203 -44.06 -11.31 12.79
CA THR A 203 -43.07 -10.65 11.96
C THR A 203 -41.71 -11.26 12.23
N PHE A 204 -40.85 -11.27 11.21
CA PHE A 204 -39.47 -11.67 11.36
C PHE A 204 -38.58 -10.56 10.76
N THR A 205 -37.70 -10.01 11.57
CA THR A 205 -36.76 -8.97 11.16
C THR A 205 -35.44 -9.66 10.97
N VAL A 206 -34.89 -9.51 9.79
CA VAL A 206 -33.57 -10.06 9.54
C VAL A 206 -32.64 -8.89 9.44
N ASN A 207 -31.64 -8.89 10.29
CA ASN A 207 -30.62 -7.83 10.31
C ASN A 207 -29.36 -8.40 9.70
N LEU A 208 -28.84 -7.72 8.70
CA LEU A 208 -27.71 -8.24 7.95
C LEU A 208 -26.56 -7.24 7.94
N ASP A 209 -25.61 -7.48 8.83
CA ASP A 209 -24.48 -6.62 8.96
C ASP A 209 -23.53 -6.92 7.80
N ILE A 210 -23.41 -5.99 6.85
CA ILE A 210 -22.64 -6.29 5.63
C ILE A 210 -21.18 -5.99 5.94
N GLN A 211 -20.34 -7.00 5.73
CA GLN A 211 -18.93 -6.96 6.09
C GLN A 211 -18.08 -6.49 4.90
N ASP A 212 -17.09 -5.64 5.15
CA ASP A 212 -16.24 -5.12 4.10
C ASP A 212 -15.35 -6.16 3.44
N SER A 213 -15.13 -6.04 2.13
CA SER A 213 -14.13 -6.86 1.43
C SER A 213 -12.85 -6.03 1.16
N ALA A 214 -11.82 -6.73 0.76
CA ALA A 214 -10.49 -6.13 0.59
C ALA A 214 -9.82 -6.76 -0.63
N PRO A 215 -8.95 -5.98 -1.28
CA PRO A 215 -8.14 -6.59 -2.32
C PRO A 215 -7.08 -7.51 -1.69
N VAL A 216 -6.51 -8.39 -2.50
CA VAL A 216 -5.38 -9.21 -2.07
C VAL A 216 -4.20 -9.01 -3.07
N ALA A 217 -3.15 -8.36 -2.58
CA ALA A 217 -1.94 -8.17 -3.38
C ALA A 217 -1.14 -9.49 -3.41
N VAL A 218 -0.64 -9.84 -4.58
CA VAL A 218 0.12 -11.05 -4.80
C VAL A 218 1.52 -10.69 -5.27
N ASP A 219 2.52 -11.32 -4.62
CA ASP A 219 3.91 -11.16 -4.95
C ASP A 219 4.24 -11.24 -6.45
N ASP A 220 5.20 -10.41 -6.86
CA ASP A 220 5.60 -10.31 -8.25
C ASP A 220 7.09 -10.59 -8.46
N GLN A 221 7.42 -11.23 -9.58
CA GLN A 221 8.79 -11.56 -9.89
C GLN A 221 9.15 -10.99 -11.25
N ASP A 222 10.33 -10.42 -11.31
CA ASP A 222 10.86 -9.89 -12.56
C ASP A 222 12.35 -10.14 -12.52
N SER A 223 13.01 -10.00 -13.66
CA SER A 223 14.44 -10.08 -13.68
C SER A 223 15.04 -9.24 -14.76
N ILE A 224 16.34 -9.04 -14.58
CA ILE A 224 17.12 -8.23 -15.45
C ILE A 224 18.58 -8.71 -15.34
N VAL A 225 19.22 -8.81 -16.50
CA VAL A 225 20.59 -9.21 -16.59
C VAL A 225 21.40 -8.01 -17.09
N VAL A 226 22.47 -7.70 -16.39
CA VAL A 226 23.35 -6.63 -16.81
C VAL A 226 24.54 -7.25 -17.54
N GLN A 227 24.91 -6.65 -18.64
CA GLN A 227 26.00 -7.17 -19.43
C GLN A 227 27.39 -6.80 -18.91
N HIS A 228 28.31 -7.72 -19.06
CA HIS A 228 29.68 -7.52 -18.68
C HIS A 228 30.51 -7.77 -19.91
N GLU A 229 31.40 -6.86 -20.21
CA GLU A 229 32.33 -7.00 -21.33
C GLU A 229 33.61 -6.34 -20.95
N GLU A 230 34.71 -6.89 -21.43
CA GLU A 230 36.01 -6.30 -21.17
C GLU A 230 36.52 -5.64 -22.43
N PHE A 231 37.13 -4.47 -22.30
CA PHE A 231 37.72 -3.75 -23.42
C PHE A 231 39.21 -3.62 -23.17
N GLU A 232 39.98 -3.80 -24.22
CA GLU A 232 41.43 -3.61 -24.21
C GLU A 232 41.68 -2.16 -24.64
N VAL A 233 42.23 -1.36 -23.75
CA VAL A 233 42.46 0.08 -24.04
C VAL A 233 43.94 0.45 -23.96
N SER A 234 44.34 1.37 -24.82
CA SER A 234 45.65 1.95 -24.75
C SER A 234 45.76 2.81 -23.49
N GLU A 235 46.95 3.33 -23.24
CA GLU A 235 47.11 4.42 -22.26
C GLU A 235 46.25 5.65 -22.59
N ILE A 236 45.98 6.43 -21.57
CA ILE A 236 45.24 7.67 -21.66
C ILE A 236 46.24 8.81 -21.78
N ALA A 237 45.97 9.71 -22.72
CA ALA A 237 46.64 10.99 -22.81
C ALA A 237 45.55 12.07 -22.56
N ALA A 238 45.72 12.85 -21.50
CA ALA A 238 44.83 13.98 -21.16
C ALA A 238 45.47 15.34 -21.39
N SER A 239 44.78 16.23 -22.10
CA SER A 239 45.32 17.56 -22.48
C SER A 239 44.29 18.62 -22.20
N TRP A 240 44.70 19.68 -21.51
CA TRP A 240 43.94 20.90 -21.46
C TRP A 240 44.02 21.56 -22.84
N VAL A 241 42.89 21.69 -23.53
CA VAL A 241 42.87 22.16 -24.90
C VAL A 241 42.29 23.54 -25.10
N SER A 242 41.55 24.07 -24.15
CA SER A 242 41.06 25.42 -24.27
C SER A 242 40.53 25.91 -22.96
N TYR A 243 40.21 27.20 -22.92
CA TYR A 243 39.77 27.87 -21.72
C TYR A 243 39.24 29.22 -22.10
N THR A 244 38.43 29.77 -21.21
CA THR A 244 37.86 31.07 -21.39
C THR A 244 38.19 31.88 -20.16
N HIS A 245 38.59 33.15 -20.40
CA HIS A 245 39.01 34.13 -19.41
C HIS A 245 40.32 33.70 -18.76
N GLY A 246 40.81 34.47 -17.81
CA GLY A 246 42.08 34.17 -17.15
C GLY A 246 43.23 35.05 -17.57
N GLU A 247 44.19 35.20 -16.68
CA GLU A 247 45.44 35.90 -16.91
C GLU A 247 46.51 34.89 -16.70
N SER A 248 47.58 35.02 -17.49
CA SER A 248 48.81 34.25 -17.37
C SER A 248 48.49 32.81 -17.40
N VAL A 249 47.62 32.42 -18.34
CA VAL A 249 47.19 31.01 -18.39
C VAL A 249 48.26 30.16 -19.09
N THR A 250 48.75 29.13 -18.40
CA THR A 250 49.63 28.14 -19.02
C THR A 250 49.07 26.73 -18.85
N THR A 251 49.41 25.88 -19.79
CA THR A 251 49.08 24.49 -19.78
C THR A 251 50.41 23.79 -20.06
N PHE A 252 50.65 22.66 -19.39
CA PHE A 252 51.92 21.99 -19.43
C PHE A 252 51.83 20.59 -18.90
N ASP A 253 52.78 19.76 -19.32
CA ASP A 253 52.99 18.42 -18.74
C ASP A 253 53.52 18.55 -17.33
N GLY A 254 52.86 17.89 -16.38
CA GLY A 254 53.15 18.07 -14.99
C GLY A 254 54.55 17.72 -14.59
N THR A 255 55.02 18.32 -13.51
CA THR A 255 56.37 18.13 -13.00
C THR A 255 56.28 17.82 -11.52
N SER A 256 57.41 17.45 -10.90
CA SER A 256 57.51 17.27 -9.45
C SER A 256 56.93 18.42 -8.70
N ASP A 257 57.30 19.63 -9.09
CA ASP A 257 56.83 20.79 -8.34
C ASP A 257 55.34 21.13 -8.62
N LEU A 258 54.95 21.00 -9.88
CA LEU A 258 53.64 21.43 -10.33
C LEU A 258 52.85 20.28 -10.89
N GLY A 259 52.10 19.59 -10.03
CA GLY A 259 51.11 18.59 -10.43
C GLY A 259 51.48 17.15 -10.24
N GLY A 260 52.78 16.87 -10.23
CA GLY A 260 53.31 15.51 -10.17
C GLY A 260 53.51 15.00 -11.58
N VAL A 261 54.25 13.91 -11.71
CA VAL A 261 54.60 13.41 -13.06
C VAL A 261 53.61 12.31 -13.53
N ASP A 262 53.52 12.19 -14.84
CA ASP A 262 52.84 11.12 -15.46
C ASP A 262 53.70 10.61 -16.60
N ASN A 263 53.24 9.52 -17.18
CA ASN A 263 53.95 8.79 -18.23
C ASN A 263 53.82 9.28 -19.68
N ASP A 264 53.31 10.49 -19.92
CA ASP A 264 53.14 10.99 -21.31
C ASP A 264 53.54 12.48 -21.35
N SER A 265 53.60 13.05 -22.54
CA SER A 265 54.00 14.45 -22.67
C SER A 265 52.79 15.37 -22.95
N ALA A 266 51.59 14.79 -23.08
CA ALA A 266 50.33 15.56 -23.13
C ALA A 266 50.21 16.49 -21.91
N LYS A 267 49.56 17.62 -22.08
CA LYS A 267 49.49 18.67 -21.05
C LYS A 267 48.35 18.56 -20.06
N ASP A 268 48.66 17.93 -18.94
CA ASP A 268 47.70 17.60 -17.90
C ASP A 268 47.50 18.67 -16.82
N GLN A 269 48.26 19.75 -16.90
CA GLN A 269 48.18 20.83 -15.91
C GLN A 269 47.77 22.11 -16.54
N ILE A 270 46.99 22.90 -15.81
CA ILE A 270 46.64 24.23 -16.24
C ILE A 270 46.74 25.11 -15.00
N ARG A 271 47.29 26.30 -15.19
CA ARG A 271 47.45 27.32 -14.12
C ARG A 271 47.06 28.71 -14.58
N TRP A 272 46.55 29.52 -13.68
CA TRP A 272 46.11 30.87 -14.06
C TRP A 272 46.25 31.80 -12.87
N GLY A 273 46.20 33.08 -13.18
CA GLY A 273 46.02 34.12 -12.18
C GLY A 273 47.31 34.85 -11.96
N ASN A 274 47.20 36.10 -11.52
CA ASN A 274 48.32 36.82 -10.98
C ASN A 274 48.29 36.53 -9.46
N PRO A 275 49.27 35.79 -8.95
CA PRO A 275 49.29 35.38 -7.52
C PRO A 275 49.25 36.55 -6.54
N ALA A 276 48.30 36.52 -5.63
CA ALA A 276 48.18 37.57 -4.62
C ALA A 276 48.91 37.12 -3.34
N GLU A 277 49.44 35.90 -3.31
CA GLU A 277 50.16 35.47 -2.13
C GLU A 277 51.40 34.68 -2.43
N SER A 278 51.29 33.66 -3.26
CA SER A 278 52.43 32.80 -3.57
C SER A 278 52.36 32.26 -4.99
N LYS A 279 51.45 31.30 -5.25
CA LYS A 279 51.37 30.61 -6.53
C LYS A 279 50.03 30.79 -7.26
N GLN A 280 49.93 30.17 -8.42
CA GLN A 280 48.80 30.30 -9.28
C GLN A 280 47.81 29.20 -8.96
N SER A 281 46.51 29.52 -9.07
CA SER A 281 45.45 28.51 -9.02
C SER A 281 45.48 27.66 -10.30
N GLY A 282 44.80 26.53 -10.27
CA GLY A 282 44.69 25.71 -11.46
C GLY A 282 44.16 24.33 -11.20
N TYR A 283 44.31 23.49 -12.20
CA TYR A 283 43.82 22.13 -12.17
C TYR A 283 44.97 21.25 -12.60
N GLY A 284 44.94 20.02 -12.08
CA GLY A 284 45.80 18.97 -12.52
C GLY A 284 45.06 17.66 -12.69
N PHE A 285 45.42 16.93 -13.72
CA PHE A 285 44.80 15.60 -13.96
C PHE A 285 45.88 14.55 -14.19
N ILE A 286 45.99 13.61 -13.25
CA ILE A 286 46.99 12.52 -13.32
C ILE A 286 46.23 11.24 -13.69
N ASP A 287 46.49 10.74 -14.87
CA ASP A 287 45.74 9.65 -15.40
C ASP A 287 45.89 8.39 -14.58
N ASN A 288 44.96 7.46 -14.77
CA ASN A 288 44.98 6.22 -14.02
C ASN A 288 45.52 5.06 -14.82
N ASP A 289 46.44 5.31 -15.74
CA ASP A 289 47.04 4.28 -16.62
C ASP A 289 47.55 3.02 -15.94
N SER A 290 48.24 3.15 -14.82
CA SER A 290 48.85 2.01 -14.20
C SER A 290 47.85 1.11 -13.39
N ASN A 291 46.82 1.69 -12.78
CA ASN A 291 45.76 0.90 -12.16
C ASN A 291 44.83 0.23 -13.17
N LEU A 292 44.51 0.87 -14.28
CA LEU A 292 43.60 0.29 -15.25
C LEU A 292 44.18 -0.89 -15.97
N GLU A 293 45.50 -0.94 -16.09
CA GLU A 293 46.21 -2.08 -16.72
C GLU A 293 45.66 -2.40 -18.08
N GLY A 294 45.44 -1.37 -18.87
CA GLY A 294 44.87 -1.53 -20.19
C GLY A 294 43.49 -2.21 -20.39
N ARG A 295 42.62 -2.17 -19.38
CA ARG A 295 41.25 -2.64 -19.56
C ARG A 295 40.18 -1.76 -18.94
N PHE A 296 39.10 -1.58 -19.69
CA PHE A 296 37.85 -1.03 -19.18
C PHE A 296 36.83 -2.15 -19.03
N ASP A 297 35.91 -2.00 -18.10
CA ASP A 297 34.72 -2.87 -18.00
C ASP A 297 33.47 -2.12 -18.42
N LEU A 298 32.54 -2.80 -19.05
CA LEU A 298 31.23 -2.26 -19.31
C LEU A 298 30.37 -2.18 -18.00
N ASN A 299 29.51 -1.17 -17.95
CA ASN A 299 28.53 -0.97 -16.90
C ASN A 299 29.20 -0.93 -15.56
N GLN A 300 30.39 -0.32 -15.53
CA GLN A 300 31.21 -0.24 -14.38
C GLN A 300 31.72 1.21 -14.20
N ASP A 301 31.45 1.83 -13.05
CA ASP A 301 32.17 3.08 -12.68
C ASP A 301 33.67 2.86 -12.70
N ILE A 302 34.40 3.63 -13.51
CA ILE A 302 35.85 3.51 -13.69
C ILE A 302 36.45 4.90 -13.44
N SER A 303 37.53 4.97 -12.68
CA SER A 303 38.26 6.22 -12.53
C SER A 303 39.26 6.36 -13.68
N VAL A 304 39.13 7.41 -14.48
CA VAL A 304 40.13 7.68 -15.54
C VAL A 304 41.37 8.43 -15.04
N GLY A 305 41.29 8.92 -13.78
CA GLY A 305 42.42 9.59 -13.14
C GLY A 305 41.99 10.49 -12.03
N THR A 306 42.99 11.20 -11.48
CA THR A 306 42.79 12.03 -10.36
C THR A 306 42.79 13.48 -10.74
N PHE A 307 41.69 14.15 -10.42
CA PHE A 307 41.56 15.58 -10.67
C PHE A 307 41.88 16.31 -9.39
N THR A 308 42.88 17.21 -9.45
CA THR A 308 43.19 18.09 -8.32
C THR A 308 42.92 19.53 -8.62
N HIS A 309 42.31 20.21 -7.68
CA HIS A 309 42.00 21.62 -7.80
C HIS A 309 42.95 22.34 -6.82
N TYR A 310 43.88 23.10 -7.38
CA TYR A 310 44.86 23.90 -6.59
C TYR A 310 44.28 25.27 -6.45
N ASN A 311 43.89 25.63 -5.22
CA ASN A 311 43.23 26.93 -5.01
C ASN A 311 44.14 27.85 -4.21
N TYR A 312 44.66 28.85 -4.92
CA TYR A 312 45.46 29.90 -4.34
C TYR A 312 44.67 31.23 -4.37
N PRO A 313 45.10 32.19 -3.55
CA PRO A 313 44.57 33.54 -3.72
C PRO A 313 45.21 34.21 -4.96
N VAL A 314 44.41 34.65 -5.90
CA VAL A 314 44.87 35.41 -7.07
C VAL A 314 44.10 36.73 -7.15
N TYR A 315 44.70 37.77 -7.68
CA TYR A 315 43.92 39.04 -7.84
C TYR A 315 42.76 38.84 -8.83
N SER A 316 41.71 39.63 -8.68
CA SER A 316 40.50 39.33 -9.43
C SER A 316 40.63 39.66 -10.90
N GLY A 317 39.81 38.96 -11.68
CA GLY A 317 39.89 39.01 -13.13
C GLY A 317 40.93 38.07 -13.67
N GLY A 318 41.78 37.51 -12.81
CA GLY A 318 42.82 36.60 -13.25
C GLY A 318 42.45 35.16 -13.56
N ALA A 319 41.27 34.72 -13.15
CA ALA A 319 40.90 33.32 -13.20
C ALA A 319 40.10 32.96 -14.44
N ILE A 320 40.23 31.73 -14.91
CA ILE A 320 39.31 31.21 -15.93
C ILE A 320 37.86 31.08 -15.39
N THR A 321 36.88 31.07 -16.28
CA THR A 321 35.51 30.65 -15.97
C THR A 321 35.14 29.26 -16.54
N SER A 322 35.92 28.76 -17.49
CA SER A 322 35.82 27.37 -17.89
C SER A 322 37.05 26.88 -18.54
N ALA A 323 37.20 25.55 -18.60
CA ALA A 323 38.26 24.96 -19.37
C ALA A 323 37.89 23.56 -19.84
N GLU A 324 38.52 23.12 -20.92
CA GLU A 324 38.22 21.84 -21.55
C GLU A 324 39.41 20.96 -21.56
N MET A 325 39.16 19.69 -21.28
CA MET A 325 40.17 18.69 -21.28
C MET A 325 39.78 17.56 -22.25
N SER A 326 40.70 17.22 -23.12
CA SER A 326 40.63 16.03 -24.00
C SER A 326 41.20 14.81 -23.33
N VAL A 327 40.40 13.75 -23.20
CA VAL A 327 40.84 12.45 -22.73
C VAL A 327 40.82 11.51 -23.92
N GLU A 328 42.02 11.13 -24.33
CA GLU A 328 42.31 10.49 -25.60
C GLU A 328 42.78 9.09 -25.24
N PHE A 329 42.14 8.07 -25.83
CA PHE A 329 42.59 6.68 -25.67
C PHE A 329 42.11 5.88 -26.89
N SER A 330 42.73 4.73 -27.08
CA SER A 330 42.35 3.77 -28.12
C SER A 330 41.77 2.49 -27.53
N VAL A 331 40.75 1.99 -28.24
CA VAL A 331 40.10 0.74 -27.89
C VAL A 331 40.40 -0.24 -28.99
N LEU A 332 40.73 -1.45 -28.61
CA LEU A 332 41.13 -2.50 -29.55
C LEU A 332 40.01 -3.51 -29.80
N ASP A 333 39.98 -4.07 -31.00
CA ASP A 333 38.96 -5.09 -31.27
C ASP A 333 39.58 -6.46 -31.47
N HIS A 334 38.73 -7.47 -31.53
CA HIS A 334 39.19 -8.84 -31.62
C HIS A 334 40.02 -9.14 -32.88
N LEU A 335 40.00 -8.25 -33.86
CA LEU A 335 40.83 -8.41 -35.04
C LEU A 335 42.05 -7.56 -34.98
N GLY A 336 42.30 -6.91 -33.85
CA GLY A 336 43.45 -6.02 -33.70
C GLY A 336 43.41 -4.61 -34.30
N VAL A 337 42.27 -4.19 -34.83
CA VAL A 337 42.11 -2.84 -35.33
C VAL A 337 41.84 -1.93 -34.15
N SER A 338 42.43 -0.73 -34.17
CA SER A 338 42.27 0.28 -33.10
C SER A 338 41.39 1.41 -33.52
N THR A 339 40.46 1.78 -32.63
CA THR A 339 39.60 2.93 -32.79
C THR A 339 40.13 3.99 -31.80
N PRO A 340 40.59 5.15 -32.32
CA PRO A 340 40.87 6.31 -31.42
C PRO A 340 39.54 6.87 -30.87
N VAL A 341 39.48 7.15 -29.57
CA VAL A 341 38.35 7.81 -28.91
C VAL A 341 38.85 9.05 -28.15
N THR A 342 38.06 10.10 -28.19
CA THR A 342 38.33 11.37 -27.44
C THR A 342 37.13 11.77 -26.64
N LEU A 343 37.25 11.69 -25.34
CA LEU A 343 36.25 12.26 -24.50
C LEU A 343 36.65 13.68 -24.08
N THR A 344 35.81 14.64 -24.43
CA THR A 344 35.96 16.02 -24.01
C THR A 344 35.25 16.28 -22.73
N VAL A 345 35.99 16.74 -21.73
CA VAL A 345 35.45 17.06 -20.43
C VAL A 345 35.52 18.58 -20.22
N ASN A 346 34.39 19.20 -19.91
CA ASN A 346 34.27 20.65 -19.67
CA ASN A 346 34.27 20.64 -19.68
C ASN A 346 34.05 20.92 -18.18
N PHE A 347 34.79 21.89 -17.67
CA PHE A 347 34.70 22.27 -16.28
C PHE A 347 34.34 23.71 -16.21
N ASP A 348 33.36 24.07 -15.40
CA ASP A 348 33.10 25.49 -15.12
C ASP A 348 33.78 25.85 -13.83
N HIS A 349 34.41 27.01 -13.80
CA HIS A 349 35.19 27.43 -12.68
C HIS A 349 34.69 28.74 -12.06
N ASN A 350 34.63 28.78 -10.75
CA ASN A 350 34.26 29.95 -10.07
C ASN A 350 35.32 30.29 -9.00
N GLU A 351 36.20 31.20 -9.39
CA GLU A 351 37.21 31.73 -8.44
C GLU A 351 36.51 32.84 -7.66
N THR A 352 36.01 32.54 -6.47
CA THR A 352 35.08 33.45 -5.77
C THR A 352 35.78 34.54 -5.01
N PRO A 353 35.15 35.72 -4.88
CA PRO A 353 35.72 36.77 -3.98
C PRO A 353 36.08 36.28 -2.57
N ASN A 354 37.27 36.56 -2.10
CA ASN A 354 37.68 36.12 -0.78
C ASN A 354 37.28 37.10 0.26
N THR A 355 36.67 36.59 1.31
CA THR A 355 36.23 37.39 2.45
C THR A 355 36.86 36.73 3.71
N ASN A 356 36.45 37.14 4.90
CA ASN A 356 36.93 36.47 6.11
C ASN A 356 36.07 35.24 6.44
N ASP A 357 34.94 35.11 5.78
CA ASP A 357 34.16 33.85 5.72
C ASP A 357 34.85 32.79 4.82
N VAL A 358 35.49 31.84 5.48
CA VAL A 358 36.17 30.71 4.83
C VAL A 358 35.27 29.89 3.84
N ASN A 359 34.06 29.49 4.24
CA ASN A 359 33.19 28.72 3.37
C ASN A 359 32.76 29.45 2.10
N ALA A 360 32.31 30.70 2.24
CA ALA A 360 31.93 31.50 1.12
C ALA A 360 33.14 31.85 0.17
N SER A 361 34.35 31.82 0.71
CA SER A 361 35.59 32.08 -0.02
C SER A 361 36.07 30.94 -0.88
N ARG A 362 35.54 29.74 -0.66
CA ARG A 362 35.90 28.55 -1.45
C ARG A 362 35.68 28.72 -2.93
N ASP A 363 36.54 28.08 -3.70
CA ASP A 363 36.41 28.11 -5.16
C ASP A 363 35.78 26.79 -5.61
N ILE A 364 35.03 26.86 -6.69
CA ILE A 364 34.07 25.82 -7.04
C ILE A 364 34.30 25.38 -8.45
N VAL A 365 34.27 24.08 -8.67
CA VAL A 365 34.47 23.52 -9.99
C VAL A 365 33.29 22.63 -10.25
N THR A 366 32.69 22.78 -11.42
CA THR A 366 31.60 21.95 -11.88
C THR A 366 31.94 21.26 -13.20
N VAL A 367 31.88 19.93 -13.22
CA VAL A 367 32.10 19.13 -14.39
C VAL A 367 30.74 18.96 -15.09
N GLN A 368 30.73 19.04 -16.40
CA GLN A 368 29.51 18.86 -17.20
C GLN A 368 29.32 17.39 -17.59
N ASN A 369 28.09 17.00 -17.92
CA ASN A 369 27.81 15.55 -18.16
C ASN A 369 27.91 15.23 -19.64
N THR A 370 29.12 15.22 -20.16
CA THR A 370 29.38 14.88 -21.52
C THR A 370 29.55 13.40 -21.77
N HIS A 371 29.64 13.04 -23.05
CA HIS A 371 29.80 11.65 -23.47
C HIS A 371 30.48 11.60 -24.82
N VAL A 372 31.00 10.46 -25.21
CA VAL A 372 31.45 10.22 -26.56
C VAL A 372 31.04 8.78 -26.95
N THR A 373 30.64 8.60 -28.19
CA THR A 373 30.19 7.30 -28.66
C THR A 373 31.17 6.76 -29.65
N PHE A 374 31.52 5.51 -29.51
CA PHE A 374 32.44 4.90 -30.45
C PHE A 374 31.94 3.54 -30.88
N GLU A 375 32.50 3.02 -31.96
CA GLU A 375 32.07 1.73 -32.46
C GLU A 375 33.13 0.70 -32.30
N ARG A 376 32.70 -0.51 -31.97
CA ARG A 376 33.59 -1.64 -31.75
C ARG A 376 32.90 -2.93 -32.17
N ASP A 377 33.45 -3.57 -33.21
CA ASP A 377 32.91 -4.83 -33.78
C ASP A 377 31.42 -4.72 -34.14
N GLY A 378 31.02 -3.63 -34.79
CA GLY A 378 29.60 -3.42 -35.18
C GLY A 378 28.64 -2.97 -34.08
N ASP A 379 29.10 -2.91 -32.83
CA ASP A 379 28.28 -2.36 -31.77
C ASP A 379 28.77 -0.95 -31.37
N ILE A 380 27.87 -0.11 -30.89
CA ILE A 380 28.21 1.22 -30.38
C ILE A 380 28.16 1.20 -28.87
N TYR A 381 29.07 1.99 -28.29
CA TYR A 381 29.27 2.10 -26.85
C TYR A 381 29.44 3.56 -26.56
N THR A 382 29.01 3.98 -25.40
CA THR A 382 29.03 5.39 -25.02
C THR A 382 29.83 5.53 -23.74
N VAL A 383 30.89 6.36 -23.74
CA VAL A 383 31.65 6.73 -22.55
C VAL A 383 31.03 8.00 -22.00
N GLN A 384 30.58 7.99 -20.74
CA GLN A 384 29.86 9.12 -20.12
C GLN A 384 30.58 9.51 -18.82
N ILE A 385 30.61 10.79 -18.54
CA ILE A 385 31.12 11.32 -17.32
C ILE A 385 30.07 11.10 -16.27
N VAL A 386 30.46 10.55 -15.12
CA VAL A 386 29.58 10.45 -13.96
C VAL A 386 29.82 11.65 -13.08
N GLY A 387 31.09 11.89 -12.71
CA GLY A 387 31.47 13.00 -11.83
C GLY A 387 32.71 12.73 -10.99
N PHE A 388 32.82 13.46 -9.89
CA PHE A 388 33.95 13.38 -8.99
C PHE A 388 33.67 12.41 -7.84
N ARG A 389 34.66 11.63 -7.44
CA ARG A 389 34.53 10.81 -6.25
C ARG A 389 35.77 10.93 -5.36
N GLU A 390 35.58 10.81 -4.05
CA GLU A 390 36.70 10.86 -3.12
C GLU A 390 37.74 9.80 -3.43
N VAL A 391 38.98 10.20 -3.33
CA VAL A 391 40.10 9.32 -3.58
C VAL A 391 40.13 8.12 -2.62
N GLY A 392 40.25 6.94 -3.20
CA GLY A 392 40.30 5.70 -2.45
C GLY A 392 39.01 5.35 -1.72
N ASN A 393 37.89 5.62 -2.35
CA ASN A 393 36.63 5.36 -1.74
C ASN A 393 35.72 4.96 -2.88
N PRO A 394 35.94 3.78 -3.41
CA PRO A 394 35.16 3.37 -4.58
C PRO A 394 33.63 3.36 -4.40
N ASP A 395 33.12 3.27 -3.16
CA ASP A 395 31.69 3.26 -2.92
C ASP A 395 31.19 4.61 -2.39
N GLY A 396 32.01 5.66 -2.48
CA GLY A 396 31.59 7.02 -2.07
C GLY A 396 30.55 7.66 -3.02
N GLU A 397 29.86 8.70 -2.52
CA GLU A 397 28.93 9.48 -3.31
C GLU A 397 29.68 10.14 -4.49
N VAL A 398 29.06 10.20 -5.65
CA VAL A 398 29.63 10.90 -6.79
C VAL A 398 28.93 12.25 -6.86
N VAL A 399 29.72 13.34 -6.97
CA VAL A 399 29.21 14.72 -7.10
C VAL A 399 29.69 15.35 -8.44
N THR A 400 29.04 16.43 -8.86
CA THR A 400 29.46 17.18 -10.05
C THR A 400 30.10 18.57 -9.70
N SER A 401 29.93 19.06 -8.47
CA SER A 401 30.60 20.22 -7.97
C SER A 401 31.44 19.92 -6.77
N ILE A 402 32.64 20.52 -6.74
CA ILE A 402 33.54 20.34 -5.61
C ILE A 402 33.91 21.75 -5.15
N TYR A 403 34.27 21.86 -3.88
CA TYR A 403 34.53 23.15 -3.20
C TYR A 403 35.88 23.02 -2.58
N THR A 404 36.74 24.02 -2.75
CA THR A 404 38.11 24.01 -2.24
C THR A 404 38.40 25.31 -1.56
N ASN A 405 38.92 25.22 -0.34
CA ASN A 405 39.40 26.39 0.42
C ASN A 405 40.52 27.09 -0.29
N GLU A 406 40.57 28.39 -0.12
CA GLU A 406 41.78 29.14 -0.39
C GLU A 406 42.95 28.54 0.38
N ASN A 407 44.09 28.49 -0.28
CA ASN A 407 45.29 27.91 0.25
C ASN A 407 45.14 26.44 0.56
N ALA A 408 44.50 25.75 -0.36
CA ALA A 408 44.37 24.29 -0.29
C ALA A 408 44.20 23.68 -1.69
N ALA A 409 44.45 22.40 -1.79
CA ALA A 409 44.19 21.65 -2.97
C ALA A 409 43.30 20.47 -2.55
N THR A 410 42.21 20.27 -3.29
CA THR A 410 41.44 19.02 -3.17
C THR A 410 41.67 18.10 -4.37
N SER A 411 41.47 16.81 -4.15
CA SER A 411 41.66 15.80 -5.15
C SER A 411 40.47 14.81 -5.15
N TYR A 412 40.02 14.48 -6.36
CA TYR A 412 38.92 13.55 -6.62
C TYR A 412 39.24 12.64 -7.79
N GLU A 413 38.66 11.45 -7.82
CA GLU A 413 38.75 10.61 -8.96
C GLU A 413 37.74 11.10 -9.95
N LEU A 414 38.08 11.12 -11.21
CA LEU A 414 37.14 11.48 -12.28
C LEU A 414 36.61 10.17 -12.82
N VAL A 415 35.32 9.96 -12.62
CA VAL A 415 34.64 8.70 -12.86
C VAL A 415 33.82 8.81 -14.16
N VAL A 416 33.99 7.79 -14.99
CA VAL A 416 33.21 7.56 -16.18
C VAL A 416 32.55 6.18 -16.15
N ARG A 417 31.60 6.00 -17.07
CA ARG A 417 30.99 4.68 -17.26
C ARG A 417 30.82 4.46 -18.71
N VAL A 418 31.15 3.25 -19.16
CA VAL A 418 30.96 2.89 -20.56
C VAL A 418 29.72 2.01 -20.61
N VAL A 419 28.75 2.39 -21.45
CA VAL A 419 27.53 1.60 -21.67
C VAL A 419 27.34 1.17 -23.13
N GLU A 420 26.61 0.06 -23.36
CA GLU A 420 26.15 -0.37 -24.73
C GLU A 420 25.20 0.67 -25.28
N GLY A 421 25.37 1.00 -26.55
CA GLY A 421 24.41 1.84 -27.25
C GLY A 421 24.69 3.31 -27.12
N ASP A 422 23.65 4.11 -27.33
CA ASP A 422 23.74 5.59 -27.45
C ASP A 422 23.79 6.29 -26.08
N GLY A 423 23.66 5.51 -25.00
CA GLY A 423 23.72 6.02 -23.63
C GLY A 423 22.54 6.84 -23.19
N TYR A 424 21.42 6.76 -23.91
CA TYR A 424 20.22 7.50 -23.52
C TYR A 424 19.57 6.83 -22.29
N SER A 425 19.88 5.56 -22.03
CA SER A 425 19.30 4.85 -20.87
C SER A 425 20.17 3.75 -20.23
N LEU A 426 19.75 3.39 -19.02
CA LEU A 426 20.37 2.34 -18.22
C LEU A 426 19.66 1.00 -18.47
N PRO A 427 20.29 -0.14 -18.09
CA PRO A 427 19.54 -1.41 -18.21
C PRO A 427 18.21 -1.33 -17.40
N SER A 428 17.11 -1.60 -18.07
CA SER A 428 15.76 -1.45 -17.57
C SER A 428 14.91 -2.72 -17.72
N THR A 429 13.89 -2.80 -16.86
CA THR A 429 12.80 -3.77 -16.97
C THR A 429 11.52 -3.09 -16.49
N GLU A 430 10.41 -3.48 -17.12
CA GLU A 430 9.11 -2.89 -16.83
C GLU A 430 8.04 -3.96 -16.66
N GLY A 431 6.93 -3.57 -16.07
CA GLY A 431 5.86 -4.51 -15.81
C GLY A 431 4.72 -3.79 -15.14
N ASN A 432 3.79 -4.59 -14.64
CA ASN A 432 2.66 -4.03 -13.95
C ASN A 432 2.37 -4.99 -12.81
N ILE A 433 2.30 -4.46 -11.60
CA ILE A 433 2.06 -5.34 -10.41
C ILE A 433 0.71 -6.00 -10.33
N PHE A 434 -0.26 -5.48 -11.09
CA PHE A 434 -1.59 -6.13 -11.16
C PHE A 434 -1.60 -7.36 -12.08
N ASP A 435 -0.59 -7.54 -12.93
CA ASP A 435 -0.54 -8.70 -13.82
C ASP A 435 -0.09 -9.92 -13.08
N ASP A 436 -0.27 -11.06 -13.73
CA ASP A 436 0.33 -12.30 -13.25
C ASP A 436 1.86 -12.29 -13.53
N ASN A 437 2.64 -12.12 -12.47
CA ASN A 437 4.10 -12.05 -12.56
C ASN A 437 4.73 -13.28 -11.89
N GLY A 438 4.22 -14.44 -12.27
CA GLY A 438 4.62 -15.71 -11.73
C GLY A 438 3.84 -16.31 -10.56
N LEU A 439 2.95 -15.57 -9.88
CA LEU A 439 2.18 -16.16 -8.76
C LEU A 439 0.70 -15.87 -8.79
N GLY A 440 0.21 -15.28 -9.88
CA GLY A 440 -1.21 -14.90 -9.97
C GLY A 440 -1.38 -13.39 -9.93
N ALA A 441 -2.48 -12.94 -10.51
CA ALA A 441 -2.81 -11.55 -10.54
C ALA A 441 -3.32 -11.13 -9.17
N ASP A 442 -3.09 -9.87 -8.77
CA ASP A 442 -3.69 -9.35 -7.54
C ASP A 442 -5.18 -9.48 -7.67
N SER A 443 -5.82 -9.88 -6.58
CA SER A 443 -7.27 -9.89 -6.48
C SER A 443 -7.78 -8.53 -6.02
N LEU A 444 -8.85 -8.06 -6.62
CA LEU A 444 -9.32 -6.66 -6.41
C LEU A 444 -10.42 -6.46 -5.31
N GLY A 445 -11.09 -7.55 -4.94
CA GLY A 445 -12.24 -7.51 -4.02
C GLY A 445 -13.50 -6.88 -4.66
N ALA A 446 -14.57 -6.85 -3.89
CA ALA A 446 -15.87 -6.40 -4.39
C ALA A 446 -15.97 -4.87 -4.56
N ASP A 447 -15.20 -4.10 -3.78
CA ASP A 447 -15.26 -2.62 -3.86
C ASP A 447 -14.62 -2.05 -5.13
N GLY A 448 -13.66 -2.74 -5.77
CA GLY A 448 -12.88 -2.17 -6.92
C GLY A 448 -12.26 -0.77 -6.59
N SER A 449 -12.02 0.03 -7.64
CA SER A 449 -11.23 1.27 -7.59
C SER A 449 -9.92 1.10 -6.84
N VAL A 450 -9.21 0.01 -7.15
CA VAL A 450 -7.92 -0.26 -6.53
C VAL A 450 -6.77 0.52 -7.24
N THR A 451 -5.90 1.12 -6.43
CA THR A 451 -4.70 1.78 -6.92
C THR A 451 -3.55 1.47 -5.98
N VAL A 452 -2.33 1.65 -6.46
CA VAL A 452 -1.17 1.59 -5.60
C VAL A 452 -1.11 2.89 -4.85
N VAL A 453 -0.98 2.82 -3.52
CA VAL A 453 -0.95 4.03 -2.65
C VAL A 453 0.36 4.16 -1.82
N GLY A 454 1.23 3.17 -1.91
CA GLY A 454 2.49 3.22 -1.24
C GLY A 454 3.45 2.27 -1.89
N VAL A 455 4.73 2.60 -1.84
CA VAL A 455 5.84 1.75 -2.35
C VAL A 455 7.09 2.10 -1.55
N ALA A 456 7.90 1.12 -1.19
CA ALA A 456 9.11 1.29 -0.38
C ALA A 456 10.10 0.17 -0.68
N VAL A 457 11.39 0.46 -0.60
CA VAL A 457 12.39 -0.58 -0.69
C VAL A 457 12.36 -1.33 0.64
N GLY A 458 12.48 -2.65 0.61
CA GLY A 458 12.38 -3.44 1.83
C GLY A 458 11.05 -4.15 1.98
N ALA A 459 10.84 -4.66 3.17
CA ALA A 459 9.69 -5.51 3.46
C ALA A 459 8.48 -4.71 3.85
N ILE A 460 8.69 -3.48 4.31
CA ILE A 460 7.63 -2.70 4.95
C ILE A 460 7.19 -1.52 4.12
N VAL A 461 5.86 -1.36 4.02
CA VAL A 461 5.27 -0.22 3.24
C VAL A 461 4.01 0.27 3.93
N SER A 462 3.72 1.57 3.86
CA SER A 462 2.39 2.09 4.18
C SER A 462 2.01 3.09 3.07
N SER A 463 0.81 3.67 3.12
CA SER A 463 0.50 4.64 2.09
C SER A 463 1.47 5.80 2.38
N ASN A 464 2.20 6.20 1.36
CA ASN A 464 3.23 7.17 1.49
C ASN A 464 3.23 8.05 0.22
N GLU A 465 4.29 8.83 0.06
CA GLU A 465 4.38 9.81 -1.02
C GLU A 465 5.41 9.38 -2.07
N SER A 466 5.65 8.08 -2.22
CA SER A 466 6.55 7.60 -3.21
C SER A 466 5.92 7.05 -4.50
N VAL A 467 4.62 6.90 -4.56
CA VAL A 467 4.01 6.32 -5.80
C VAL A 467 4.17 7.38 -6.88
N GLY A 468 4.65 6.96 -8.04
CA GLY A 468 4.87 7.82 -9.21
C GLY A 468 6.10 8.70 -9.07
N HIS A 469 6.92 8.44 -8.05
CA HIS A 469 8.19 9.05 -7.85
C HIS A 469 9.26 8.03 -8.12
N SER A 470 10.47 8.48 -8.42
CA SER A 470 11.63 7.59 -8.50
C SER A 470 12.10 7.27 -7.08
N ILE A 471 12.34 6.01 -6.75
CA ILE A 471 12.91 5.69 -5.46
C ILE A 471 14.14 4.78 -5.64
N GLU A 472 15.02 4.89 -4.68
CA GLU A 472 16.30 4.23 -4.71
C GLU A 472 16.23 2.85 -4.03
N GLY A 473 16.59 1.83 -4.79
CA GLY A 473 16.78 0.51 -4.29
C GLY A 473 18.22 0.28 -3.87
N GLN A 474 18.55 -0.98 -3.72
CA GLN A 474 19.92 -1.43 -3.48
C GLN A 474 20.80 -1.33 -4.72
N TYR A 475 20.26 -1.68 -5.90
CA TYR A 475 21.01 -1.74 -7.13
C TYR A 475 20.49 -0.84 -8.24
N GLY A 476 19.37 -0.15 -8.01
CA GLY A 476 18.72 0.62 -9.07
C GLY A 476 17.58 1.43 -8.56
N ASN A 477 16.87 2.11 -9.45
CA ASN A 477 15.76 2.94 -9.09
C ASN A 477 14.49 2.40 -9.66
N LEU A 478 13.40 2.51 -8.87
CA LEU A 478 12.05 2.12 -9.29
C LEU A 478 11.13 3.33 -9.43
N VAL A 479 10.33 3.36 -10.50
CA VAL A 479 9.11 4.20 -10.56
C VAL A 479 7.94 3.27 -10.70
N LEU A 480 7.05 3.27 -9.71
CA LEU A 480 5.83 2.45 -9.67
C LEU A 480 4.71 3.45 -9.58
N ASN A 481 3.78 3.40 -10.53
CA ASN A 481 2.69 4.35 -10.57
C ASN A 481 1.44 3.75 -9.96
N SER A 482 0.42 4.62 -9.78
CA SER A 482 -0.81 4.21 -9.07
C SER A 482 -1.62 3.12 -9.76
N ASP A 483 -1.40 2.95 -11.07
CA ASP A 483 -2.08 1.96 -11.89
C ASP A 483 -1.29 0.68 -11.97
N GLY A 484 -0.21 0.56 -11.19
CA GLY A 484 0.64 -0.63 -11.14
C GLY A 484 1.80 -0.72 -12.09
N SER A 485 1.88 0.17 -13.10
CA SER A 485 2.98 0.12 -14.06
C SER A 485 4.25 0.58 -13.34
N TYR A 486 5.33 -0.13 -13.60
CA TYR A 486 6.64 0.24 -13.07
C TYR A 486 7.77 0.18 -14.14
N VAL A 487 8.82 0.92 -13.89
CA VAL A 487 10.10 0.76 -14.53
C VAL A 487 11.15 0.69 -13.44
N TYR A 488 12.00 -0.30 -13.54
CA TYR A 488 13.13 -0.46 -12.70
C TYR A 488 14.42 -0.35 -13.56
N ASP A 489 15.38 0.47 -13.13
CA ASP A 489 16.69 0.46 -13.82
C ASP A 489 17.86 0.33 -12.94
N VAL A 490 18.82 -0.46 -13.45
CA VAL A 490 20.01 -0.80 -12.67
C VAL A 490 21.02 0.35 -12.76
N THR A 491 21.32 0.96 -11.61
CA THR A 491 22.30 2.01 -11.51
C THR A 491 23.62 1.49 -10.95
N ALA A 492 23.62 0.35 -10.26
CA ALA A 492 24.84 -0.11 -9.62
C ALA A 492 25.86 -0.56 -10.71
N SER A 493 27.15 -0.46 -10.36
CA SER A 493 28.20 -1.03 -11.18
C SER A 493 28.18 -2.54 -11.04
N VAL A 494 28.54 -3.23 -12.11
CA VAL A 494 28.65 -4.71 -12.17
C VAL A 494 29.45 -5.29 -10.97
N SER A 495 30.56 -4.65 -10.61
CA SER A 495 31.42 -5.05 -9.47
C SER A 495 30.72 -5.04 -8.12
N ASP A 496 29.55 -4.38 -8.01
CA ASP A 496 28.79 -4.34 -6.76
C ASP A 496 27.54 -5.23 -6.76
N ILE A 497 27.34 -6.03 -7.82
CA ILE A 497 26.19 -6.87 -7.98
C ILE A 497 26.66 -8.28 -7.66
N PRO A 498 26.37 -8.76 -6.43
CA PRO A 498 26.77 -10.15 -6.11
C PRO A 498 25.93 -11.19 -6.87
N ALA A 499 26.39 -12.44 -6.89
CA ALA A 499 25.68 -13.51 -7.62
C ALA A 499 24.25 -13.76 -7.07
N GLY A 500 24.04 -13.59 -5.76
CA GLY A 500 22.65 -13.62 -5.23
C GLY A 500 21.70 -12.57 -5.84
N ALA A 501 22.15 -11.31 -5.87
CA ALA A 501 21.38 -10.10 -6.12
C ALA A 501 19.85 -10.16 -6.41
N THR A 502 19.13 -9.68 -5.43
CA THR A 502 17.70 -9.47 -5.57
C THR A 502 17.35 -8.11 -4.99
N GLU A 503 16.46 -7.43 -5.70
CA GLU A 503 15.80 -6.23 -5.18
C GLU A 503 14.45 -6.58 -4.73
N SER A 504 14.02 -6.03 -3.61
CA SER A 504 12.65 -6.15 -3.28
C SER A 504 12.04 -4.89 -2.72
N PHE A 505 10.91 -4.55 -3.33
CA PHE A 505 10.15 -3.38 -3.00
C PHE A 505 8.79 -3.84 -2.55
N ALA A 506 8.28 -3.26 -1.50
CA ALA A 506 6.96 -3.59 -1.06
C ALA A 506 5.99 -2.57 -1.63
N TYR A 507 4.84 -2.98 -2.11
CA TYR A 507 3.81 -2.03 -2.44
C TYR A 507 2.49 -2.29 -1.70
N LEU A 508 1.71 -1.24 -1.52
CA LEU A 508 0.42 -1.27 -0.85
C LEU A 508 -0.65 -0.81 -1.85
N ILE A 509 -1.66 -1.65 -2.05
CA ILE A 509 -2.84 -1.27 -2.82
C ILE A 509 -4.00 -1.02 -1.90
N GLN A 510 -4.94 -0.18 -2.37
CA GLN A 510 -6.04 0.20 -1.60
C GLN A 510 -7.31 0.29 -2.47
N ASP A 511 -8.44 -0.16 -1.92
CA ASP A 511 -9.71 -0.13 -2.63
C ASP A 511 -10.51 1.12 -2.29
N GLN A 512 -11.74 1.22 -2.83
CA GLN A 512 -12.46 2.47 -2.74
C GLN A 512 -12.81 2.93 -1.34
N ASP A 513 -13.00 2.02 -0.39
CA ASP A 513 -13.32 2.46 0.98
C ASP A 513 -12.14 2.23 1.95
N GLY A 514 -10.94 2.05 1.44
CA GLY A 514 -9.73 2.13 2.26
C GLY A 514 -9.06 0.84 2.67
N SER A 515 -9.62 -0.30 2.33
CA SER A 515 -9.00 -1.61 2.63
C SER A 515 -7.70 -1.69 1.83
N THR A 516 -6.65 -2.18 2.47
CA THR A 516 -5.32 -2.24 1.88
C THR A 516 -4.72 -3.62 1.90
N SER A 517 -3.78 -3.89 1.01
CA SER A 517 -3.03 -5.17 0.95
C SER A 517 -1.64 -4.92 0.40
N SER A 518 -0.62 -5.60 0.92
CA SER A 518 0.72 -5.43 0.42
C SER A 518 1.28 -6.70 -0.15
N ALA A 519 2.25 -6.53 -1.04
CA ALA A 519 3.00 -7.60 -1.55
C ALA A 519 4.36 -7.06 -1.99
N ASN A 520 5.25 -7.96 -2.41
CA ASN A 520 6.59 -7.66 -2.80
C ASN A 520 6.78 -7.81 -4.27
N LEU A 521 7.34 -6.76 -4.86
CA LEU A 521 7.99 -6.85 -6.17
C LEU A 521 9.47 -7.18 -6.00
N SER A 522 9.82 -8.35 -6.48
CA SER A 522 11.12 -8.91 -6.38
C SER A 522 11.79 -8.90 -7.75
N ILE A 523 12.97 -8.32 -7.87
CA ILE A 523 13.69 -8.27 -9.15
C ILE A 523 15.05 -8.99 -9.00
N ASN A 524 15.28 -10.04 -9.78
CA ASN A 524 16.58 -10.71 -9.81
C ASN A 524 17.45 -9.91 -10.77
N VAL A 525 18.56 -9.45 -10.22
CA VAL A 525 19.56 -8.68 -10.99
C VAL A 525 20.77 -9.58 -11.24
N GLY A 526 20.83 -10.10 -12.45
CA GLY A 526 21.94 -10.95 -12.87
C GLY A 526 23.02 -10.20 -13.64
N THR A 527 24.18 -10.84 -13.74
CA THR A 527 25.29 -10.41 -14.59
C THR A 527 25.67 -11.57 -15.53
N ASN A 528 25.77 -11.28 -16.83
CA ASN A 528 26.24 -12.24 -17.81
C ASN A 528 27.70 -11.91 -18.17
N THR A 529 28.62 -12.81 -17.77
CA THR A 529 30.07 -12.61 -17.96
C THR A 529 30.62 -13.10 -19.31
N ALA A 530 29.88 -13.99 -19.97
CA ALA A 530 30.24 -14.44 -21.32
C ALA A 530 30.05 -13.30 -22.32
N SER A 537 31.09 -11.21 -24.55
CA SER A 537 31.60 -12.09 -25.58
C SER A 537 30.58 -12.25 -26.73
N THR A 538 31.11 -12.32 -27.96
CA THR A 538 30.36 -12.91 -29.10
C THR A 538 31.12 -14.09 -29.81
N PRO A 539 31.71 -15.02 -29.00
CA PRO A 539 31.87 -16.43 -29.27
C PRO A 539 30.64 -17.29 -29.45
N ASP A 540 30.75 -18.32 -30.29
CA ASP A 540 29.72 -19.32 -30.55
C ASP A 540 30.28 -20.72 -30.28
CA CA B . -60.38 -7.86 26.70
CA CA C . -49.88 -9.94 33.72
CA CA D . -16.94 -2.25 1.05
CA CA E . -13.08 -2.51 1.27
CA CA F . -21.37 2.88 4.58
CA CA G . 1.13 -8.38 -7.83
CA CA H . 41.30 31.39 -5.13
CA CA I . 37.81 32.36 -3.60
CA CA J . -44.37 -15.93 26.70
CA CA K . -47.02 -7.21 32.57
CA CA L . -45.82 -22.02 15.07
CA CA M . 54.74 13.40 -18.36
CA CA N . 51.01 14.51 -19.16
CA CA O . 49.12 8.49 -19.97
CA CA P . -69.19 -19.46 50.02
CA CA Q . 12.38 -8.60 -17.55
#